data_2O6Q
#
_entry.id   2O6Q
#
_cell.length_a   95.226
_cell.length_b   95.226
_cell.length_c   77.556
_cell.angle_alpha   90.00
_cell.angle_beta   90.00
_cell.angle_gamma   120.00
#
_symmetry.space_group_name_H-M   'P 32 2 1'
#
loop_
_entity.id
_entity.type
_entity.pdbx_description
1 polymer 'Variable lymphocyte receptor A'
2 water water
#
_entity_poly.entity_id   1
_entity_poly.type   'polypeptide(L)'
_entity_poly.pdbx_seq_one_letter_code
;NEALCKKDGGVCSCNNNKNSVDCSSKKLTAIPSNIPADTKKLDLQSNKLSSLPSKAFHRLTKLRLLYLNDNKLQTLPAGI
FKELKNLETLWVTDNKLQALPIGVFDQLVNLAELRLDRNQLKSLPPRVFDSLTKLTYLSLGYNELQSLPKGVFDKLTSLK
ELRLYNNQLKRVPEGAFDKLTELKTLKLDNNQLKRVPEGAFDSLEKLKMLQLQENPWDCTCNGIIYMAKWLKKKADEGLG
GVDTAGCEKGGKAVLEITEKDAASDCVSPN
;
_entity_poly.pdbx_strand_id   A
#
# COMPACT_ATOMS: atom_id res chain seq x y z
N ASN A 1 -28.37 -25.75 6.82
CA ASN A 1 -28.25 -24.86 8.01
C ASN A 1 -26.96 -25.19 8.77
N GLU A 2 -26.03 -24.26 8.81
CA GLU A 2 -24.76 -24.48 9.48
C GLU A 2 -24.47 -23.43 10.55
N ALA A 3 -24.26 -23.88 11.78
CA ALA A 3 -23.95 -22.97 12.86
C ALA A 3 -22.61 -22.27 12.58
N LEU A 4 -22.52 -20.99 12.91
CA LEU A 4 -21.32 -20.20 12.70
C LEU A 4 -20.29 -20.44 13.80
N CYS A 5 -20.66 -20.11 15.04
CA CYS A 5 -19.81 -20.23 16.22
C CYS A 5 -19.55 -21.63 16.77
N LYS A 6 -18.33 -21.84 17.26
CA LYS A 6 -17.95 -23.13 17.80
C LYS A 6 -18.89 -23.55 18.92
N LYS A 7 -19.21 -22.60 19.79
CA LYS A 7 -20.12 -22.79 20.94
C LYS A 7 -21.50 -23.34 20.54
N ASP A 8 -21.88 -23.11 19.29
CA ASP A 8 -23.15 -23.59 18.76
C ASP A 8 -22.97 -24.76 17.77
N GLY A 9 -21.72 -25.20 17.58
CA GLY A 9 -21.47 -26.28 16.65
C GLY A 9 -20.65 -25.88 15.43
N GLY A 10 -20.47 -24.58 15.21
CA GLY A 10 -19.68 -24.11 14.08
C GLY A 10 -18.18 -24.32 14.25
N VAL A 11 -17.40 -23.85 13.29
CA VAL A 11 -15.95 -24.00 13.37
C VAL A 11 -15.23 -22.69 13.73
N CYS A 12 -15.90 -21.56 13.51
CA CYS A 12 -15.34 -20.25 13.81
C CYS A 12 -15.59 -19.87 15.27
N SER A 13 -14.59 -19.28 15.93
CA SER A 13 -14.77 -18.87 17.31
C SER A 13 -15.39 -17.46 17.36
N CYS A 14 -16.31 -17.25 18.30
CA CYS A 14 -17.04 -15.98 18.40
C CYS A 14 -17.10 -15.30 19.74
N ASN A 15 -16.77 -14.02 19.76
CA ASN A 15 -16.83 -13.24 20.98
C ASN A 15 -18.08 -12.41 20.94
N ASN A 16 -19.09 -12.83 21.67
CA ASN A 16 -20.34 -12.09 21.66
C ASN A 16 -20.23 -10.65 22.15
N ASN A 17 -19.71 -10.47 23.35
CA ASN A 17 -19.61 -9.13 23.88
C ASN A 17 -18.81 -8.15 23.01
N LYS A 18 -17.93 -8.68 22.15
CA LYS A 18 -17.09 -7.84 21.29
C LYS A 18 -17.51 -7.87 19.80
N ASN A 19 -18.59 -8.58 19.50
CA ASN A 19 -19.11 -8.69 18.14
C ASN A 19 -18.05 -9.04 17.10
N SER A 20 -17.31 -10.11 17.39
CA SER A 20 -16.26 -10.55 16.48
C SER A 20 -16.44 -12.00 16.10
N VAL A 21 -16.21 -12.27 14.84
CA VAL A 21 -16.29 -13.60 14.29
C VAL A 21 -14.89 -13.94 13.77
N ASP A 22 -14.28 -14.99 14.32
CA ASP A 22 -12.94 -15.39 13.90
C ASP A 22 -12.98 -16.69 13.13
N CYS A 23 -12.97 -16.59 11.80
CA CYS A 23 -13.01 -17.77 10.94
C CYS A 23 -11.60 -17.95 10.40
N SER A 24 -10.63 -17.34 11.07
CA SER A 24 -9.25 -17.43 10.61
C SER A 24 -8.67 -18.80 10.81
N SER A 25 -8.07 -19.31 9.74
CA SER A 25 -7.39 -20.60 9.73
C SER A 25 -8.20 -21.89 9.89
N LYS A 26 -9.40 -21.93 9.33
CA LYS A 26 -10.27 -23.09 9.44
C LYS A 26 -10.42 -23.78 8.09
N LYS A 27 -9.38 -23.67 7.26
CA LYS A 27 -9.35 -24.28 5.94
C LYS A 27 -10.61 -24.00 5.15
N LEU A 28 -11.22 -22.83 5.36
CA LEU A 28 -12.46 -22.50 4.67
C LEU A 28 -12.34 -22.24 3.18
N THR A 29 -13.39 -22.63 2.45
CA THR A 29 -13.44 -22.42 1.00
C THR A 29 -14.59 -21.49 0.62
N ALA A 30 -15.44 -21.13 1.58
CA ALA A 30 -16.55 -20.22 1.30
C ALA A 30 -16.81 -19.34 2.52
N ILE A 31 -17.30 -18.12 2.28
CA ILE A 31 -17.61 -17.24 3.39
C ILE A 31 -18.84 -17.82 4.07
N PRO A 32 -18.81 -17.95 5.41
CA PRO A 32 -20.00 -18.51 6.06
C PRO A 32 -21.10 -17.50 5.75
N SER A 33 -22.32 -17.97 5.54
CA SER A 33 -23.40 -17.05 5.16
C SER A 33 -24.31 -16.51 6.26
N ASN A 34 -24.10 -16.93 7.49
CA ASN A 34 -24.95 -16.48 8.58
C ASN A 34 -24.20 -15.66 9.62
N ILE A 35 -23.49 -14.64 9.15
CA ILE A 35 -22.73 -13.77 10.02
C ILE A 35 -23.65 -12.65 10.46
N PRO A 36 -23.87 -12.49 11.77
CA PRO A 36 -24.76 -11.42 12.23
C PRO A 36 -24.38 -10.06 11.65
N ALA A 37 -25.39 -9.32 11.21
CA ALA A 37 -25.20 -8.00 10.61
C ALA A 37 -24.73 -7.01 11.64
N ASP A 38 -24.62 -7.49 12.87
CA ASP A 38 -24.21 -6.68 14.01
C ASP A 38 -22.67 -6.63 14.13
N THR A 39 -22.01 -7.61 13.52
CA THR A 39 -20.55 -7.79 13.51
C THR A 39 -19.67 -6.56 13.24
N LYS A 40 -18.73 -6.33 14.16
CA LYS A 40 -17.79 -5.21 14.02
C LYS A 40 -16.43 -5.66 13.53
N LYS A 41 -16.06 -6.91 13.81
CA LYS A 41 -14.77 -7.46 13.37
C LYS A 41 -14.92 -8.85 12.73
N LEU A 42 -14.51 -8.96 11.47
CA LEU A 42 -14.62 -10.23 10.72
C LEU A 42 -13.23 -10.72 10.35
N ASP A 43 -12.89 -11.95 10.71
CA ASP A 43 -11.56 -12.49 10.41
C ASP A 43 -11.59 -13.72 9.52
N LEU A 44 -11.27 -13.53 8.26
CA LEU A 44 -11.27 -14.64 7.33
C LEU A 44 -9.86 -14.94 6.85
N GLN A 45 -8.85 -14.33 7.46
CA GLN A 45 -7.49 -14.57 7.04
C GLN A 45 -7.06 -16.04 7.19
N SER A 46 -6.14 -16.44 6.31
CA SER A 46 -5.55 -17.78 6.28
C SER A 46 -6.53 -18.88 6.06
N ASN A 47 -7.14 -18.86 4.89
CA ASN A 47 -8.11 -19.85 4.52
C ASN A 47 -7.88 -20.05 3.05
N LYS A 48 -8.81 -20.72 2.38
CA LYS A 48 -8.67 -20.96 0.96
C LYS A 48 -9.89 -20.47 0.17
N LEU A 49 -10.01 -19.15 0.05
CA LEU A 49 -11.10 -18.50 -0.70
C LEU A 49 -10.55 -18.11 -2.06
N SER A 50 -11.00 -18.77 -3.12
CA SER A 50 -10.50 -18.47 -4.44
C SER A 50 -11.31 -17.41 -5.16
N SER A 51 -12.55 -17.22 -4.72
CA SER A 51 -13.42 -16.22 -5.30
C SER A 51 -14.09 -15.61 -4.09
N LEU A 52 -15.09 -14.77 -4.30
CA LEU A 52 -15.75 -14.10 -3.20
C LEU A 52 -17.05 -13.54 -3.74
N PRO A 53 -18.19 -14.08 -3.32
CA PRO A 53 -19.46 -13.57 -3.84
C PRO A 53 -19.69 -12.09 -3.52
N SER A 54 -20.20 -11.35 -4.49
CA SER A 54 -20.51 -9.94 -4.27
C SER A 54 -21.58 -9.93 -3.18
N LYS A 55 -21.93 -8.76 -2.70
CA LYS A 55 -22.96 -8.70 -1.65
C LYS A 55 -22.65 -9.60 -0.45
N ALA A 56 -21.41 -10.06 -0.35
CA ALA A 56 -20.99 -10.92 0.74
C ALA A 56 -20.89 -10.19 2.06
N PHE A 57 -20.66 -8.89 2.00
CA PHE A 57 -20.54 -8.14 3.23
C PHE A 57 -21.55 -7.04 3.23
N HIS A 58 -22.52 -7.13 2.33
CA HIS A 58 -23.54 -6.09 2.17
C HIS A 58 -24.64 -5.93 3.20
N ARG A 59 -24.54 -6.69 4.28
CA ARG A 59 -25.51 -6.59 5.36
C ARG A 59 -24.68 -6.06 6.55
N LEU A 60 -23.39 -6.40 6.53
CA LEU A 60 -22.44 -6.00 7.56
C LEU A 60 -22.11 -4.50 7.57
N THR A 61 -23.13 -3.69 7.85
CA THR A 61 -22.99 -2.24 7.88
C THR A 61 -22.13 -1.73 9.02
N LYS A 62 -22.02 -2.52 10.09
CA LYS A 62 -21.24 -2.08 11.24
C LYS A 62 -19.81 -2.56 11.25
N LEU A 63 -19.37 -3.23 10.19
CA LEU A 63 -18.00 -3.75 10.13
C LEU A 63 -16.95 -2.67 10.31
N ARG A 64 -16.01 -2.93 11.20
CA ARG A 64 -14.92 -2.00 11.45
C ARG A 64 -13.59 -2.55 10.95
N LEU A 65 -13.42 -3.88 11.06
CA LEU A 65 -12.19 -4.52 10.63
C LEU A 65 -12.53 -5.74 9.81
N LEU A 66 -11.86 -5.88 8.68
CA LEU A 66 -12.08 -6.99 7.75
C LEU A 66 -10.72 -7.50 7.27
N TYR A 67 -10.39 -8.72 7.64
CA TYR A 67 -9.14 -9.34 7.28
C TYR A 67 -9.31 -10.44 6.27
N LEU A 68 -8.97 -10.16 5.02
CA LEU A 68 -9.10 -11.12 3.94
C LEU A 68 -7.73 -11.60 3.49
N ASN A 69 -6.72 -11.35 4.29
CA ASN A 69 -5.37 -11.72 3.92
C ASN A 69 -5.08 -13.20 3.97
N ASP A 70 -4.22 -13.63 3.06
CA ASP A 70 -3.78 -15.01 2.96
C ASP A 70 -4.82 -16.03 2.49
N ASN A 71 -5.63 -15.91 1.66
CA ASN A 71 -6.54 -16.71 0.83
C ASN A 71 -5.97 -16.56 -0.66
N LYS A 72 -6.89 -17.09 -1.51
CA LYS A 72 -6.67 -17.28 -2.94
C LYS A 72 -7.50 -16.41 -3.86
N LEU A 73 -7.76 -15.17 -3.46
CA LEU A 73 -8.54 -14.31 -4.33
C LEU A 73 -7.71 -13.90 -5.52
N GLN A 74 -8.30 -14.06 -6.70
CA GLN A 74 -7.66 -13.71 -7.96
C GLN A 74 -8.34 -12.46 -8.48
N THR A 75 -9.49 -12.17 -7.90
CA THR A 75 -10.26 -11.02 -8.33
C THR A 75 -11.22 -10.56 -7.24
N LEU A 76 -11.65 -9.32 -7.37
CA LEU A 76 -12.60 -8.79 -6.42
C LEU A 76 -13.76 -8.24 -7.20
N PRO A 77 -14.97 -8.71 -6.87
CA PRO A 77 -16.14 -8.20 -7.59
C PRO A 77 -16.23 -6.70 -7.36
N ALA A 78 -16.61 -5.96 -8.40
CA ALA A 78 -16.71 -4.51 -8.34
C ALA A 78 -17.26 -3.86 -7.05
N GLY A 79 -18.30 -4.43 -6.46
CA GLY A 79 -18.85 -3.77 -5.28
C GLY A 79 -18.85 -4.44 -3.93
N ILE A 80 -17.89 -5.34 -3.68
CA ILE A 80 -17.79 -6.03 -2.41
C ILE A 80 -17.84 -5.15 -1.18
N PHE A 81 -17.12 -4.02 -1.21
CA PHE A 81 -17.06 -3.12 -0.06
C PHE A 81 -17.83 -1.81 -0.19
N LYS A 82 -18.89 -1.79 -0.98
CA LYS A 82 -19.67 -0.57 -1.15
C LYS A 82 -20.56 -0.22 0.02
N GLU A 83 -20.80 -1.21 0.87
CA GLU A 83 -21.66 -1.03 2.03
C GLU A 83 -20.92 -0.85 3.35
N LEU A 84 -19.64 -1.22 3.40
CA LEU A 84 -18.85 -1.10 4.61
C LEU A 84 -18.41 0.34 4.89
N LYS A 85 -19.38 1.23 5.08
CA LYS A 85 -19.11 2.65 5.33
C LYS A 85 -18.55 2.98 6.71
N ASN A 86 -18.25 1.96 7.50
CA ASN A 86 -17.69 2.18 8.83
C ASN A 86 -16.39 1.39 9.00
N LEU A 87 -15.93 0.79 7.92
CA LEU A 87 -14.72 0.01 7.96
C LEU A 87 -13.55 0.92 8.30
N GLU A 88 -12.67 0.45 9.18
CA GLU A 88 -11.49 1.25 9.57
C GLU A 88 -10.17 0.59 9.12
N THR A 89 -10.17 -0.74 9.01
CA THR A 89 -8.99 -1.50 8.59
C THR A 89 -9.37 -2.63 7.62
N LEU A 90 -8.66 -2.73 6.52
CA LEU A 90 -8.91 -3.77 5.54
C LEU A 90 -7.59 -4.34 5.10
N TRP A 91 -7.44 -5.67 5.20
CA TRP A 91 -6.22 -6.34 4.77
C TRP A 91 -6.58 -7.37 3.69
N VAL A 92 -5.98 -7.24 2.51
CA VAL A 92 -6.25 -8.20 1.46
C VAL A 92 -4.88 -8.61 0.96
N THR A 93 -3.94 -8.64 1.89
CA THR A 93 -2.56 -9.02 1.61
C THR A 93 -2.50 -10.50 1.28
N ASP A 94 -1.35 -10.94 0.77
CA ASP A 94 -1.13 -12.34 0.45
C ASP A 94 -2.28 -13.01 -0.26
N ASN A 95 -2.43 -12.70 -1.53
CA ASN A 95 -3.47 -13.31 -2.33
C ASN A 95 -2.89 -13.37 -3.74
N LYS A 96 -3.75 -13.36 -4.76
CA LYS A 96 -3.29 -13.40 -6.14
C LYS A 96 -4.06 -12.38 -6.96
N LEU A 97 -4.43 -11.30 -6.29
CA LEU A 97 -5.15 -10.21 -6.90
C LEU A 97 -4.34 -9.72 -8.09
N GLN A 98 -4.96 -9.62 -9.27
CA GLN A 98 -4.21 -9.15 -10.43
C GLN A 98 -4.67 -7.76 -10.87
N ALA A 99 -5.68 -7.24 -10.20
CA ALA A 99 -6.20 -5.93 -10.53
C ALA A 99 -7.23 -5.49 -9.51
N LEU A 100 -7.45 -4.19 -9.43
CA LEU A 100 -8.42 -3.67 -8.50
C LEU A 100 -9.55 -2.94 -9.23
N PRO A 101 -10.80 -3.34 -8.99
CA PRO A 101 -11.96 -2.72 -9.63
C PRO A 101 -11.94 -1.18 -9.44
N ILE A 102 -12.04 -0.46 -10.56
CA ILE A 102 -12.00 0.99 -10.59
C ILE A 102 -12.53 1.83 -9.41
N GLY A 103 -13.63 1.42 -8.80
CA GLY A 103 -14.15 2.20 -7.67
C GLY A 103 -14.39 1.38 -6.40
N VAL A 104 -13.61 0.30 -6.28
CA VAL A 104 -13.73 -0.64 -5.18
C VAL A 104 -13.63 -0.04 -3.77
N PHE A 105 -12.99 1.12 -3.66
CA PHE A 105 -12.81 1.77 -2.36
C PHE A 105 -13.54 3.12 -2.29
N ASP A 106 -14.49 3.35 -3.18
CA ASP A 106 -15.21 4.62 -3.19
C ASP A 106 -16.05 4.88 -1.94
N GLN A 107 -16.56 3.83 -1.31
CA GLN A 107 -17.40 4.00 -0.14
C GLN A 107 -16.69 3.96 1.22
N LEU A 108 -15.43 3.55 1.25
CA LEU A 108 -14.66 3.48 2.49
C LEU A 108 -14.18 4.85 2.89
N VAL A 109 -15.07 5.62 3.48
CA VAL A 109 -14.75 6.98 3.90
C VAL A 109 -14.11 7.07 5.28
N ASN A 110 -14.16 5.98 6.04
CA ASN A 110 -13.57 6.00 7.37
C ASN A 110 -12.31 5.18 7.47
N LEU A 111 -11.94 4.56 6.36
CA LEU A 111 -10.75 3.72 6.31
C LEU A 111 -9.52 4.44 6.85
N ALA A 112 -8.75 3.75 7.69
CA ALA A 112 -7.55 4.33 8.26
C ALA A 112 -6.29 3.56 7.85
N GLU A 113 -6.45 2.24 7.62
CA GLU A 113 -5.34 1.38 7.24
C GLU A 113 -5.73 0.44 6.10
N LEU A 114 -4.86 0.34 5.09
CA LEU A 114 -5.13 -0.51 3.91
C LEU A 114 -3.87 -1.20 3.42
N ARG A 115 -3.84 -2.54 3.51
CA ARG A 115 -2.69 -3.32 3.07
C ARG A 115 -3.11 -4.17 1.88
N LEU A 116 -2.25 -4.20 0.88
CA LEU A 116 -2.51 -4.95 -0.34
C LEU A 116 -1.24 -5.62 -0.82
N ASP A 117 -0.24 -5.70 0.05
CA ASP A 117 1.02 -6.32 -0.30
C ASP A 117 0.87 -7.79 -0.73
N ARG A 118 1.94 -8.28 -1.35
CA ARG A 118 2.05 -9.66 -1.80
C ARG A 118 0.82 -10.14 -2.56
N ASN A 119 0.59 -9.53 -3.71
CA ASN A 119 -0.50 -9.87 -4.59
C ASN A 119 0.13 -9.85 -5.98
N GLN A 120 -0.70 -9.82 -7.01
CA GLN A 120 -0.25 -9.82 -8.41
C GLN A 120 -0.64 -8.50 -9.09
N LEU A 121 -0.68 -7.42 -8.32
CA LEU A 121 -1.06 -6.12 -8.87
C LEU A 121 -0.08 -5.64 -9.91
N LYS A 122 -0.61 -5.28 -11.07
CA LYS A 122 0.23 -4.81 -12.15
C LYS A 122 0.02 -3.31 -12.44
N SER A 123 -1.14 -2.81 -12.05
CA SER A 123 -1.46 -1.41 -12.26
C SER A 123 -2.47 -1.02 -11.21
N LEU A 124 -2.69 0.28 -11.03
CA LEU A 124 -3.65 0.76 -10.08
C LEU A 124 -4.65 1.64 -10.81
N PRO A 125 -5.91 1.65 -10.37
CA PRO A 125 -6.87 2.51 -11.06
C PRO A 125 -6.52 3.97 -10.74
N PRO A 126 -6.54 4.85 -11.73
CA PRO A 126 -6.22 6.27 -11.59
C PRO A 126 -6.71 6.97 -10.33
N ARG A 127 -7.91 6.62 -9.89
CA ARG A 127 -8.49 7.25 -8.71
C ARG A 127 -8.89 6.25 -7.64
N VAL A 128 -8.24 5.09 -7.61
CA VAL A 128 -8.59 4.07 -6.64
C VAL A 128 -8.57 4.53 -5.18
N PHE A 129 -7.60 5.36 -4.79
CA PHE A 129 -7.52 5.82 -3.40
C PHE A 129 -8.17 7.18 -3.08
N ASP A 130 -8.87 7.76 -4.04
CA ASP A 130 -9.46 9.08 -3.83
C ASP A 130 -10.39 9.33 -2.66
N SER A 131 -10.99 8.29 -2.11
CA SER A 131 -11.92 8.47 -0.98
C SER A 131 -11.29 8.19 0.36
N LEU A 132 -10.03 7.77 0.34
CA LEU A 132 -9.35 7.42 1.57
C LEU A 132 -8.70 8.63 2.27
N THR A 133 -9.56 9.60 2.51
CA THR A 133 -9.26 10.85 3.16
C THR A 133 -8.63 10.65 4.50
N LYS A 134 -9.29 9.88 5.35
CA LYS A 134 -8.79 9.59 6.68
C LYS A 134 -7.62 8.56 6.68
N LEU A 135 -7.26 8.01 5.52
CA LEU A 135 -6.22 7.00 5.44
C LEU A 135 -4.86 7.44 5.97
N THR A 136 -4.26 6.63 6.83
CA THR A 136 -2.95 6.97 7.40
C THR A 136 -1.88 5.91 7.14
N TYR A 137 -2.30 4.71 6.77
CA TYR A 137 -1.32 3.68 6.49
C TYR A 137 -1.63 2.97 5.17
N LEU A 138 -0.69 3.04 4.23
CA LEU A 138 -0.85 2.40 2.92
C LEU A 138 0.37 1.55 2.54
N SER A 139 0.18 0.25 2.30
CA SER A 139 1.30 -0.59 1.86
C SER A 139 0.84 -1.32 0.60
N LEU A 140 1.69 -1.30 -0.41
CA LEU A 140 1.42 -1.91 -1.69
C LEU A 140 2.64 -2.71 -2.07
N GLY A 141 3.44 -3.03 -1.08
CA GLY A 141 4.66 -3.77 -1.34
C GLY A 141 4.44 -5.15 -1.91
N TYR A 142 5.47 -5.67 -2.55
CA TYR A 142 5.42 -7.00 -3.13
C TYR A 142 4.30 -7.21 -4.14
N ASN A 143 4.46 -6.55 -5.28
CA ASN A 143 3.53 -6.68 -6.38
C ASN A 143 4.34 -6.51 -7.67
N GLU A 144 3.67 -6.40 -8.81
CA GLU A 144 4.36 -6.25 -10.08
C GLU A 144 4.22 -4.86 -10.68
N LEU A 145 4.12 -3.84 -9.84
CA LEU A 145 3.99 -2.46 -10.31
C LEU A 145 5.24 -1.90 -10.99
N GLN A 146 5.05 -1.31 -12.17
CA GLN A 146 6.15 -0.72 -12.91
C GLN A 146 6.07 0.80 -12.93
N SER A 147 4.87 1.33 -12.65
CA SER A 147 4.67 2.77 -12.61
C SER A 147 3.38 3.04 -11.85
N LEU A 148 3.16 4.31 -11.51
CA LEU A 148 1.98 4.69 -10.76
C LEU A 148 1.23 5.76 -11.53
N PRO A 149 -0.11 5.76 -11.44
CA PRO A 149 -0.95 6.73 -12.12
C PRO A 149 -0.80 8.11 -11.52
N LYS A 150 -0.60 9.11 -12.37
CA LYS A 150 -0.45 10.48 -11.87
C LYS A 150 -1.62 10.88 -10.99
N GLY A 151 -1.29 11.37 -9.79
CA GLY A 151 -2.30 11.81 -8.84
C GLY A 151 -2.89 10.76 -7.92
N VAL A 152 -2.50 9.49 -8.09
CA VAL A 152 -3.03 8.40 -7.25
C VAL A 152 -3.04 8.70 -5.78
N PHE A 153 -2.13 9.55 -5.33
CA PHE A 153 -2.07 9.84 -3.91
C PHE A 153 -2.70 11.17 -3.50
N ASP A 154 -2.79 12.11 -4.43
CA ASP A 154 -3.30 13.45 -4.15
C ASP A 154 -4.35 13.58 -3.06
N LYS A 155 -5.33 12.68 -3.03
CA LYS A 155 -6.38 12.80 -2.02
C LYS A 155 -5.97 12.31 -0.62
N LEU A 156 -4.92 11.51 -0.55
CA LEU A 156 -4.47 10.96 0.74
C LEU A 156 -3.70 11.97 1.59
N THR A 157 -4.40 13.01 2.06
CA THR A 157 -3.76 14.06 2.84
C THR A 157 -3.72 13.85 4.35
N SER A 158 -3.52 12.62 4.79
CA SER A 158 -3.43 12.30 6.22
C SER A 158 -2.51 11.10 6.32
N LEU A 159 -2.02 10.66 5.17
CA LEU A 159 -1.16 9.50 5.09
C LEU A 159 0.09 9.72 5.93
N LYS A 160 0.40 8.73 6.75
CA LYS A 160 1.57 8.76 7.63
C LYS A 160 2.64 7.81 7.12
N GLU A 161 2.20 6.64 6.66
CA GLU A 161 3.13 5.66 6.14
C GLU A 161 2.68 5.20 4.75
N LEU A 162 3.64 5.09 3.84
CA LEU A 162 3.40 4.67 2.46
C LEU A 162 4.54 3.74 2.07
N ARG A 163 4.18 2.52 1.68
CA ARG A 163 5.17 1.55 1.29
C ARG A 163 5.02 1.13 -0.15
N LEU A 164 6.02 1.43 -0.96
CA LEU A 164 5.94 1.05 -2.34
C LEU A 164 7.09 0.13 -2.64
N TYR A 165 7.78 -0.31 -1.60
CA TYR A 165 8.93 -1.19 -1.76
C TYR A 165 8.57 -2.49 -2.43
N ASN A 166 9.60 -3.20 -2.84
CA ASN A 166 9.46 -4.50 -3.49
C ASN A 166 8.50 -4.62 -4.66
N ASN A 167 8.68 -3.75 -5.65
CA ASN A 167 7.88 -3.80 -6.86
C ASN A 167 8.90 -3.67 -7.97
N GLN A 168 8.49 -3.17 -9.13
CA GLN A 168 9.44 -3.02 -10.23
C GLN A 168 9.30 -1.62 -10.79
N LEU A 169 9.16 -0.63 -9.89
CA LEU A 169 9.02 0.75 -10.31
C LEU A 169 10.21 1.25 -11.12
N LYS A 170 9.92 1.70 -12.34
CA LYS A 170 10.95 2.21 -13.20
C LYS A 170 11.10 3.70 -12.93
N ARG A 171 10.01 4.32 -12.52
CA ARG A 171 10.01 5.75 -12.26
C ARG A 171 8.78 6.19 -11.48
N VAL A 172 8.98 7.14 -10.57
CA VAL A 172 7.84 7.65 -9.81
C VAL A 172 7.28 8.78 -10.64
N PRO A 173 5.96 8.99 -10.57
CA PRO A 173 5.32 10.07 -11.34
C PRO A 173 5.82 11.45 -10.97
N GLU A 174 5.43 12.41 -11.80
CA GLU A 174 5.82 13.80 -11.69
C GLU A 174 5.76 14.43 -10.31
N GLY A 175 4.56 14.55 -9.73
CA GLY A 175 4.43 15.15 -8.42
C GLY A 175 3.61 14.24 -7.53
N ALA A 176 4.04 12.98 -7.48
CA ALA A 176 3.36 11.94 -6.73
C ALA A 176 3.17 12.16 -5.24
N PHE A 177 4.13 12.77 -4.56
CA PHE A 177 4.01 12.98 -3.12
C PHE A 177 3.73 14.42 -2.68
N ASP A 178 3.44 15.31 -3.62
CA ASP A 178 3.19 16.71 -3.32
C ASP A 178 2.10 17.00 -2.29
N LYS A 179 1.09 16.16 -2.21
CA LYS A 179 0.00 16.39 -1.27
C LYS A 179 0.13 15.59 0.03
N LEU A 180 1.23 14.85 0.17
CA LEU A 180 1.42 14.05 1.37
C LEU A 180 2.23 14.84 2.39
N THR A 181 1.69 15.98 2.79
CA THR A 181 2.36 16.88 3.72
C THR A 181 2.53 16.32 5.10
N GLU A 182 1.71 15.33 5.46
CA GLU A 182 1.81 14.73 6.79
C GLU A 182 2.52 13.39 6.83
N LEU A 183 3.16 13.01 5.74
CA LEU A 183 3.88 11.74 5.62
C LEU A 183 5.12 11.70 6.53
N LYS A 184 5.28 10.61 7.28
CA LYS A 184 6.44 10.48 8.17
C LYS A 184 7.36 9.33 7.78
N THR A 185 6.81 8.35 7.08
CA THR A 185 7.57 7.19 6.62
C THR A 185 7.28 6.86 5.16
N LEU A 186 8.33 6.83 4.35
CA LEU A 186 8.21 6.54 2.93
C LEU A 186 9.14 5.41 2.50
N LYS A 187 8.60 4.25 2.21
CA LYS A 187 9.43 3.15 1.80
C LYS A 187 9.35 2.93 0.29
N LEU A 188 10.51 3.01 -0.35
CA LEU A 188 10.61 2.85 -1.80
C LEU A 188 11.73 1.90 -2.19
N ASP A 189 12.37 1.29 -1.20
CA ASP A 189 13.46 0.37 -1.48
C ASP A 189 13.02 -0.80 -2.35
N ASN A 190 14.00 -1.34 -3.08
CA ASN A 190 13.81 -2.47 -3.95
C ASN A 190 12.87 -2.27 -5.10
N ASN A 191 13.29 -1.46 -6.06
CA ASN A 191 12.52 -1.20 -7.27
C ASN A 191 13.56 -0.98 -8.37
N GLN A 192 13.18 -0.32 -9.46
CA GLN A 192 14.14 -0.08 -10.54
C GLN A 192 14.31 1.39 -10.86
N LEU A 193 14.39 2.20 -9.81
CA LEU A 193 14.53 3.64 -9.95
C LEU A 193 15.97 4.06 -10.20
N LYS A 194 16.17 4.97 -11.13
CA LYS A 194 17.51 5.47 -11.43
C LYS A 194 17.62 6.84 -10.75
N ARG A 195 16.47 7.44 -10.46
CA ARG A 195 16.43 8.74 -9.82
C ARG A 195 14.98 9.16 -9.71
N VAL A 196 14.73 10.31 -9.08
CA VAL A 196 13.36 10.81 -8.95
C VAL A 196 13.26 12.16 -9.63
N PRO A 197 12.07 12.53 -10.09
CA PRO A 197 11.98 13.85 -10.73
C PRO A 197 12.33 15.00 -9.76
N GLU A 198 12.70 16.14 -10.32
CA GLU A 198 13.09 17.30 -9.55
C GLU A 198 11.97 17.80 -8.68
N GLY A 199 12.23 18.01 -7.40
CA GLY A 199 11.20 18.49 -6.50
C GLY A 199 10.29 17.39 -5.95
N ALA A 200 10.54 16.16 -6.38
CA ALA A 200 9.77 15.01 -5.96
C ALA A 200 9.59 14.90 -4.44
N PHE A 201 10.48 15.48 -3.66
CA PHE A 201 10.37 15.38 -2.19
C PHE A 201 10.13 16.70 -1.43
N ASP A 202 9.94 17.80 -2.17
CA ASP A 202 9.72 19.12 -1.58
C ASP A 202 8.61 19.27 -0.56
N SER A 203 7.56 18.44 -0.65
CA SER A 203 6.44 18.55 0.29
C SER A 203 6.62 17.68 1.51
N LEU A 204 7.60 16.79 1.48
CA LEU A 204 7.80 15.85 2.57
C LEU A 204 8.52 16.35 3.80
N GLU A 205 8.16 17.54 4.25
CA GLU A 205 8.74 18.06 5.47
C GLU A 205 7.97 17.26 6.49
N LYS A 206 8.46 17.13 7.70
CA LYS A 206 7.75 16.30 8.67
C LYS A 206 8.04 14.81 8.39
N LEU A 207 8.83 14.53 7.35
CA LEU A 207 9.20 13.15 6.99
C LEU A 207 10.31 12.67 7.92
N LYS A 208 10.15 11.48 8.49
CA LYS A 208 11.15 10.95 9.41
C LYS A 208 11.94 9.76 8.90
N MET A 209 11.28 8.81 8.25
CA MET A 209 12.00 7.65 7.76
C MET A 209 11.89 7.50 6.27
N LEU A 210 13.04 7.41 5.60
CA LEU A 210 13.06 7.27 4.17
C LEU A 210 13.90 6.06 3.75
N GLN A 211 13.25 5.09 3.12
CA GLN A 211 13.91 3.86 2.67
C GLN A 211 14.12 3.87 1.16
N LEU A 212 15.37 4.01 0.72
CA LEU A 212 15.67 4.05 -0.72
C LEU A 212 16.63 2.96 -1.27
N GLN A 213 17.16 2.10 -0.40
CA GLN A 213 18.08 1.05 -0.86
C GLN A 213 17.54 0.13 -1.93
N GLU A 214 18.44 -0.67 -2.50
CA GLU A 214 18.10 -1.61 -3.55
C GLU A 214 17.43 -1.02 -4.76
N ASN A 215 18.00 0.07 -5.27
CA ASN A 215 17.54 0.73 -6.49
C ASN A 215 18.83 1.09 -7.23
N PRO A 216 18.84 1.02 -8.56
CA PRO A 216 20.02 1.32 -9.37
C PRO A 216 20.30 2.81 -9.62
N TRP A 217 20.36 3.60 -8.55
CA TRP A 217 20.62 5.03 -8.67
C TRP A 217 21.84 5.37 -9.57
N ASP A 218 21.65 6.06 -10.69
CA ASP A 218 22.84 6.38 -11.49
C ASP A 218 23.32 7.80 -11.25
N CYS A 219 24.42 7.87 -10.51
CA CYS A 219 25.04 9.14 -10.16
C CYS A 219 26.03 9.48 -11.25
N THR A 220 25.84 8.85 -12.39
CA THR A 220 26.70 9.01 -13.56
C THR A 220 26.10 9.99 -14.58
N CYS A 221 25.38 10.99 -14.10
CA CYS A 221 24.75 11.99 -14.94
C CYS A 221 23.82 12.77 -14.07
N ASN A 222 23.67 14.06 -14.34
CA ASN A 222 22.77 14.86 -13.51
C ASN A 222 21.42 14.20 -13.62
N GLY A 223 20.47 14.63 -12.80
CA GLY A 223 19.16 14.01 -12.81
C GLY A 223 19.10 13.29 -11.49
N ILE A 224 20.26 13.18 -10.86
CA ILE A 224 20.42 12.53 -9.58
C ILE A 224 20.77 13.65 -8.61
N ILE A 225 21.08 14.81 -9.17
CA ILE A 225 21.50 15.94 -8.35
C ILE A 225 20.45 16.44 -7.41
N TYR A 226 19.21 16.46 -7.87
CA TYR A 226 18.16 16.93 -7.01
C TYR A 226 18.11 16.05 -5.77
N MET A 227 18.06 14.73 -6.00
CA MET A 227 18.00 13.77 -4.90
C MET A 227 19.21 13.87 -3.97
N ALA A 228 20.41 14.07 -4.52
CA ALA A 228 21.61 14.21 -3.66
C ALA A 228 21.55 15.51 -2.81
N LYS A 229 21.31 16.65 -3.45
CA LYS A 229 21.23 17.90 -2.69
C LYS A 229 20.19 17.75 -1.59
N TRP A 230 18.99 17.31 -1.95
CA TRP A 230 17.93 17.13 -0.99
C TRP A 230 18.31 16.19 0.15
N LEU A 231 18.69 14.96 -0.17
CA LEU A 231 19.07 14.00 0.86
C LEU A 231 20.14 14.57 1.80
N LYS A 232 21.15 15.22 1.23
CA LYS A 232 22.23 15.78 2.03
C LYS A 232 21.71 16.85 2.96
N LYS A 233 20.81 17.67 2.44
CA LYS A 233 20.22 18.73 3.22
C LYS A 233 19.31 18.10 4.28
N LYS A 234 18.84 16.88 4.03
CA LYS A 234 17.98 16.23 5.00
C LYS A 234 18.76 15.38 5.99
N ALA A 235 19.95 14.97 5.60
CA ALA A 235 20.79 14.19 6.49
C ALA A 235 20.96 15.03 7.76
N ASP A 236 21.47 16.25 7.59
CA ASP A 236 21.69 17.17 8.71
C ASP A 236 20.46 17.27 9.63
N GLU A 237 19.29 17.53 9.06
CA GLU A 237 18.06 17.66 9.83
C GLU A 237 17.67 16.39 10.56
N GLY A 238 18.48 15.37 10.44
CA GLY A 238 18.18 14.12 11.13
C GLY A 238 17.05 13.32 10.52
N LEU A 239 17.02 13.23 9.19
CA LEU A 239 15.98 12.48 8.47
C LEU A 239 16.03 11.02 8.94
N GLY A 240 16.87 10.22 8.30
CA GLY A 240 16.95 8.83 8.69
C GLY A 240 16.71 8.00 7.45
N GLY A 241 17.74 7.29 7.02
CA GLY A 241 17.62 6.50 5.82
C GLY A 241 18.35 7.22 4.73
N VAL A 242 18.62 8.50 4.92
CA VAL A 242 19.34 9.28 3.91
C VAL A 242 20.52 8.55 3.27
N ASP A 243 21.12 7.62 3.99
CA ASP A 243 22.28 6.88 3.46
C ASP A 243 21.93 5.62 2.68
N THR A 244 20.67 5.20 2.74
CA THR A 244 20.26 3.99 2.06
C THR A 244 20.33 4.01 0.53
N ALA A 245 20.22 5.21 -0.06
CA ALA A 245 20.32 5.32 -1.51
C ALA A 245 21.81 5.14 -1.82
N GLY A 246 22.11 4.14 -2.64
CA GLY A 246 23.49 3.87 -2.98
C GLY A 246 23.70 3.82 -4.46
N CYS A 247 24.84 4.30 -4.93
CA CYS A 247 25.12 4.32 -6.36
C CYS A 247 25.14 2.93 -6.97
N GLU A 248 24.68 2.87 -8.21
CA GLU A 248 24.62 1.63 -8.96
C GLU A 248 26.03 1.18 -9.22
N LYS A 249 26.86 2.11 -9.71
CA LYS A 249 28.25 1.82 -10.03
C LYS A 249 29.22 2.41 -9.04
N GLY A 250 29.16 3.73 -8.84
CA GLY A 250 30.08 4.38 -7.92
C GLY A 250 30.39 3.69 -6.60
N GLY A 251 29.41 2.98 -6.05
CA GLY A 251 29.61 2.33 -4.76
C GLY A 251 29.26 3.28 -3.62
N LYS A 252 29.66 4.55 -3.74
CA LYS A 252 29.40 5.57 -2.73
C LYS A 252 27.91 5.96 -2.62
N ALA A 253 27.54 6.59 -1.51
CA ALA A 253 26.16 6.99 -1.30
C ALA A 253 25.73 8.20 -2.11
N VAL A 254 24.53 8.11 -2.69
CA VAL A 254 23.99 9.21 -3.48
C VAL A 254 24.13 10.52 -2.69
N LEU A 255 24.02 10.39 -1.37
CA LEU A 255 24.13 11.50 -0.42
C LEU A 255 25.38 12.36 -0.75
N GLU A 256 26.51 11.67 -0.88
CA GLU A 256 27.82 12.29 -1.15
C GLU A 256 28.02 12.92 -2.54
N ILE A 257 27.27 12.46 -3.53
CA ILE A 257 27.42 12.97 -4.89
C ILE A 257 27.19 14.45 -5.10
N THR A 258 28.08 15.04 -5.90
CA THR A 258 28.04 16.46 -6.23
C THR A 258 27.77 16.63 -7.72
N GLU A 259 27.79 17.89 -8.18
CA GLU A 259 27.52 18.16 -9.58
C GLU A 259 28.77 17.92 -10.39
N LYS A 260 29.84 17.53 -9.72
CA LYS A 260 31.10 17.24 -10.39
C LYS A 260 31.01 15.96 -11.20
N ASP A 261 30.74 14.86 -10.52
CA ASP A 261 30.66 13.55 -11.15
C ASP A 261 29.39 13.32 -11.95
N ALA A 262 28.38 14.15 -11.72
CA ALA A 262 27.12 14.00 -12.44
C ALA A 262 26.86 15.17 -13.34
N ALA A 263 27.92 15.72 -13.92
CA ALA A 263 27.78 16.86 -14.81
C ALA A 263 27.78 16.37 -16.24
N SER A 264 26.60 15.95 -16.69
CA SER A 264 26.46 15.46 -18.04
C SER A 264 25.03 15.04 -18.24
N ASP A 265 24.19 15.85 -18.96
CA ASP A 265 22.73 15.58 -19.09
C ASP A 265 22.62 14.43 -20.13
N CYS A 266 22.61 13.23 -19.67
CA CYS A 266 22.52 12.03 -20.51
C CYS A 266 21.56 11.04 -19.79
N VAL A 267 21.23 9.98 -20.42
CA VAL A 267 20.11 9.11 -20.30
C VAL A 267 20.60 7.83 -19.61
N SER A 268 19.83 7.35 -18.62
CA SER A 268 20.17 6.13 -17.86
C SER A 268 20.39 4.91 -18.77
N PRO A 269 20.84 3.75 -18.22
CA PRO A 269 21.07 2.55 -19.05
C PRO A 269 20.06 2.30 -20.19
N ASN A 270 20.57 2.16 -21.41
CA ASN A 270 19.74 1.92 -22.59
C ASN A 270 19.92 0.52 -23.16
#